data_5XP5
#
_entry.id   5XP5
#
_cell.length_a   42.288
_cell.length_b   63.687
_cell.length_c   73.815
_cell.angle_alpha   79.07
_cell.angle_beta   89.23
_cell.angle_gamma   89.24
#
_symmetry.space_group_name_H-M   'P 1'
#
loop_
_entity.id
_entity.type
_entity.pdbx_description
1 polymer 'Proto-oncogene tyrosine-protein kinase Src'
2 non-polymer '[(2R,3S,4R,5R)-5-(6-aminopurin-9-yl)-3,4-bis(oxidanyl)oxolan-2-yl]methoxy-[(S)-fluoranyl-[oxidanyl(phosphonooxy)phosphoryl]methyl]phosphinic acid'
3 non-polymer 'MAGNESIUM ION'
4 water water
#
_entity_poly.entity_id   1
_entity_poly.type   'polypeptide(L)'
_entity_poly.pdbx_seq_one_letter_code
;GHMQTQGLAKDAWEIPRESLRLEVKLGQGCFGEVWMGTWNGTTRVAIKTLKPGTMSPEAFLQEAQVMKKLRHEKLVQLYA
VVSEEPIYIVTEYMSKGSLLDFLKGEMGKYLRLPQLVDMAAQIASGMAYVERMNYVHRDLRAANILVGENLVCKVADFGL
ARLIEDNEYTARQGAKFPIKWTAPEAALYGRFTIKSDVWSFGILLTELTTKGRVPYPGMVNREVLDQVERGYRMPCPPEC
PESLHDLMCQCWRKDPEERPTFEYLQAFLEDYFTSTEPQYQPGENL
;
_entity_poly.pdbx_strand_id   A,B
#
loop_
_chem_comp.id
_chem_comp.type
_chem_comp.name
_chem_comp.formula
8BU non-polymer '[(2R,3S,4R,5R)-5-(6-aminopurin-9-yl)-3,4-bis(oxidanyl)oxolan-2-yl]methoxy-[(S)-fluoranyl-[oxidanyl(phosphonooxy)phosphoryl]methyl]phosphinic acid' 'C11 H17 F N5 O12 P3'
MG non-polymer 'MAGNESIUM ION' 'Mg 2'
#
# COMPACT_ATOMS: atom_id res chain seq x y z
N ALA A 12 7.25 -27.81 28.97
CA ALA A 12 8.37 -27.00 28.47
C ALA A 12 7.98 -25.53 28.43
N TRP A 13 6.86 -25.23 27.77
CA TRP A 13 6.22 -23.93 27.91
C TRP A 13 5.47 -23.93 29.24
N GLU A 14 5.40 -25.11 29.84
CA GLU A 14 4.65 -25.35 31.07
C GLU A 14 5.15 -24.52 32.25
N ILE A 15 4.22 -24.12 33.10
CA ILE A 15 4.52 -23.37 34.31
C ILE A 15 3.68 -23.94 35.46
N PRO A 16 4.01 -23.57 36.71
CA PRO A 16 3.12 -24.04 37.77
C PRO A 16 1.90 -23.15 37.91
N ARG A 17 0.77 -23.74 38.31
CA ARG A 17 -0.44 -22.97 38.61
C ARG A 17 -0.13 -21.98 39.73
N GLU A 18 0.86 -22.34 40.54
CA GLU A 18 1.39 -21.48 41.59
C GLU A 18 1.65 -20.06 41.08
N SER A 19 2.32 -19.99 39.94
CA SER A 19 2.82 -18.74 39.39
C SER A 19 1.73 -17.77 38.97
N LEU A 20 0.55 -18.29 38.67
CA LEU A 20 -0.57 -17.45 38.23
C LEU A 20 -1.30 -16.84 39.41
N ARG A 21 -2.40 -16.15 39.08
CA ARG A 21 -3.50 -15.84 39.99
C ARG A 21 -4.56 -15.06 39.23
N LEU A 22 -5.62 -15.75 38.84
CA LEU A 22 -6.69 -15.15 38.04
C LEU A 22 -7.46 -14.10 38.83
N GLU A 23 -7.35 -12.84 38.44
CA GLU A 23 -8.04 -11.76 39.13
C GLU A 23 -9.40 -11.45 38.54
N VAL A 24 -9.37 -10.64 37.49
CA VAL A 24 -10.58 -10.10 36.86
C VAL A 24 -11.03 -10.97 35.69
N LYS A 25 -12.34 -11.17 35.62
CA LYS A 25 -12.98 -11.95 34.56
C LYS A 25 -13.39 -11.00 33.44
N LEU A 26 -12.77 -11.14 32.27
CA LEU A 26 -12.92 -10.15 31.19
C LEU A 26 -14.05 -10.48 30.21
N GLY A 27 -14.09 -11.72 29.74
CA GLY A 27 -15.19 -12.21 28.91
C GLY A 27 -15.41 -13.69 29.16
N GLN A 28 -16.20 -14.34 28.32
CA GLN A 28 -16.31 -15.78 28.36
C GLN A 28 -16.94 -16.26 27.07
N GLY A 29 -16.43 -17.35 26.51
CA GLY A 29 -16.81 -17.74 25.16
C GLY A 29 -17.23 -19.16 24.83
N CYS A 30 -17.81 -19.87 25.77
CA CYS A 30 -18.49 -21.12 25.45
C CYS A 30 -17.56 -22.32 25.25
N PHE A 31 -16.26 -22.07 25.15
CA PHE A 31 -15.27 -23.12 25.11
C PHE A 31 -14.51 -22.95 26.37
N GLY A 32 -14.99 -22.04 27.19
CA GLY A 32 -14.28 -21.76 28.39
C GLY A 32 -14.06 -20.29 28.47
N GLU A 33 -13.31 -19.91 29.46
CA GLU A 33 -13.37 -18.59 30.07
C GLU A 33 -12.10 -17.80 29.78
N VAL A 34 -12.12 -16.51 30.06
CA VAL A 34 -10.94 -15.66 29.89
C VAL A 34 -10.81 -14.67 31.05
N TRP A 35 -9.70 -14.74 31.78
CA TRP A 35 -9.46 -13.81 32.89
C TRP A 35 -8.24 -12.94 32.63
N MET A 36 -8.20 -11.78 33.28
CA MET A 36 -6.95 -11.07 33.43
C MET A 36 -6.25 -11.71 34.62
N GLY A 37 -4.97 -11.44 34.81
CA GLY A 37 -4.28 -12.00 35.95
C GLY A 37 -2.83 -11.57 36.05
N THR A 38 -2.10 -12.20 36.95
CA THR A 38 -0.67 -12.00 37.07
C THR A 38 0.05 -13.32 36.96
N TRP A 39 1.35 -13.25 36.74
CA TRP A 39 2.19 -14.42 36.55
C TRP A 39 3.54 -14.18 37.22
N ASN A 40 3.89 -15.07 38.15
CA ASN A 40 5.02 -14.87 39.06
C ASN A 40 4.85 -13.60 39.88
N GLY A 41 3.62 -13.14 40.02
CA GLY A 41 3.34 -11.88 40.66
C GLY A 41 3.76 -10.67 39.84
N THR A 42 4.90 -10.78 39.17
CA THR A 42 5.50 -9.68 38.43
C THR A 42 4.71 -9.20 37.22
N THR A 43 4.21 -10.13 36.42
CA THR A 43 3.71 -9.80 35.09
C THR A 43 2.20 -9.90 34.89
N ARG A 44 1.63 -8.87 34.27
CA ARG A 44 0.21 -8.88 33.94
C ARG A 44 -0.05 -9.71 32.69
N VAL A 45 -0.96 -10.68 32.79
CA VAL A 45 -1.21 -11.59 31.70
C VAL A 45 -2.70 -11.80 31.44
N ALA A 46 -3.02 -12.52 30.38
CA ALA A 46 -4.38 -12.96 30.10
C ALA A 46 -4.41 -14.48 30.14
N ILE A 47 -5.45 -15.04 30.76
CA ILE A 47 -5.51 -16.47 31.00
C ILE A 47 -6.74 -17.12 30.37
N LYS A 48 -6.54 -17.76 29.23
CA LYS A 48 -7.64 -18.44 28.52
C LYS A 48 -7.93 -19.79 29.15
N THR A 49 -8.90 -19.83 30.07
CA THR A 49 -9.15 -21.02 30.85
C THR A 49 -10.16 -21.96 30.20
N LEU A 50 -10.76 -22.80 31.04
CA LEU A 50 -11.71 -23.79 30.58
C LEU A 50 -12.51 -24.26 31.80
N LYS A 51 -13.82 -23.96 31.81
CA LYS A 51 -14.73 -24.42 32.87
C LYS A 51 -15.01 -25.93 32.69
N PRO A 52 -15.50 -26.62 33.73
CA PRO A 52 -14.96 -27.96 33.96
C PRO A 52 -15.24 -29.05 32.91
N GLY A 53 -14.26 -29.27 32.04
CA GLY A 53 -14.38 -30.18 30.91
C GLY A 53 -15.47 -29.70 29.97
N THR A 54 -15.14 -28.78 29.08
CA THR A 54 -16.10 -28.34 28.07
C THR A 54 -15.87 -29.13 26.81
N MET A 55 -14.73 -28.82 26.22
CA MET A 55 -14.29 -29.40 24.97
C MET A 55 -12.97 -30.07 25.26
N SER A 56 -12.73 -31.21 24.61
CA SER A 56 -11.65 -32.11 24.99
C SER A 56 -10.34 -31.35 25.22
N PRO A 57 -9.66 -31.67 26.32
CA PRO A 57 -8.46 -30.96 26.82
C PRO A 57 -7.33 -30.81 25.79
N GLU A 58 -7.22 -31.73 24.83
CA GLU A 58 -6.07 -31.69 23.92
C GLU A 58 -6.36 -30.98 22.61
N ALA A 59 -7.64 -30.88 22.23
CA ALA A 59 -8.00 -30.01 21.12
C ALA A 59 -8.02 -28.57 21.64
N PHE A 60 -8.05 -28.46 22.96
CA PHE A 60 -7.85 -27.19 23.64
C PHE A 60 -6.36 -26.93 23.81
N LEU A 61 -5.59 -28.01 23.74
CA LEU A 61 -4.12 -27.93 23.80
C LEU A 61 -3.50 -27.30 22.56
N GLN A 62 -4.07 -27.55 21.40
CA GLN A 62 -3.42 -27.35 20.13
C GLN A 62 -3.57 -25.90 19.61
N GLU A 63 -4.42 -25.09 20.24
CA GLU A 63 -4.33 -23.65 20.00
C GLU A 63 -3.01 -23.15 20.58
N ALA A 64 -2.69 -23.65 21.76
CA ALA A 64 -1.45 -23.31 22.40
C ALA A 64 -0.21 -23.76 21.61
N GLN A 65 -0.26 -24.93 20.96
CA GLN A 65 0.88 -25.41 20.12
C GLN A 65 1.04 -24.56 18.86
N VAL A 66 -0.09 -24.12 18.30
CA VAL A 66 -0.02 -23.21 17.16
C VAL A 66 0.70 -21.95 17.58
N MET A 67 0.31 -21.45 18.75
CA MET A 67 0.90 -20.24 19.32
C MET A 67 2.36 -20.44 19.73
N LYS A 68 2.76 -21.70 19.94
CA LYS A 68 4.15 -22.00 20.32
C LYS A 68 5.10 -21.74 19.15
N LYS A 69 4.69 -22.14 17.96
CA LYS A 69 5.54 -22.06 16.78
C LYS A 69 5.56 -20.67 16.15
N LEU A 70 4.58 -19.85 16.51
CA LEU A 70 4.45 -18.52 15.92
C LEU A 70 4.91 -17.41 16.86
N ARG A 71 5.66 -16.46 16.32
CA ARG A 71 6.09 -15.30 17.09
C ARG A 71 6.27 -14.08 16.18
N HIS A 72 5.45 -13.07 16.43
CA HIS A 72 5.48 -11.84 15.64
C HIS A 72 4.90 -10.70 16.46
N GLU A 73 5.36 -9.47 16.20
CA GLU A 73 4.93 -8.32 16.98
C GLU A 73 3.44 -8.02 16.79
N LYS A 74 2.86 -8.54 15.72
CA LYS A 74 1.45 -8.28 15.42
C LYS A 74 0.57 -9.50 15.69
N LEU A 75 1.12 -10.47 16.41
CA LEU A 75 0.34 -11.60 16.91
C LEU A 75 0.38 -11.58 18.44
N VAL A 76 -0.74 -11.91 19.07
CA VAL A 76 -0.78 -12.01 20.52
C VAL A 76 0.17 -13.10 20.98
N GLN A 77 1.18 -12.71 21.76
CA GLN A 77 2.25 -13.63 22.16
C GLN A 77 1.81 -14.60 23.25
N LEU A 78 2.08 -15.88 23.00
CA LEU A 78 1.91 -16.91 24.03
C LEU A 78 2.98 -16.73 25.10
N TYR A 79 2.59 -16.84 26.36
CA TYR A 79 3.55 -16.72 27.45
C TYR A 79 3.84 -18.09 28.07
N ALA A 80 2.79 -18.82 28.39
CA ALA A 80 2.93 -20.12 29.03
C ALA A 80 1.67 -20.96 28.91
N VAL A 81 1.79 -22.24 29.26
CA VAL A 81 0.68 -23.17 29.17
C VAL A 81 0.61 -24.02 30.45
N VAL A 82 -0.58 -24.52 30.77
CA VAL A 82 -0.75 -25.47 31.87
C VAL A 82 -1.53 -26.68 31.32
N SER A 83 -0.80 -27.73 30.95
CA SER A 83 -1.34 -28.79 30.11
C SER A 83 -2.24 -29.81 30.82
N GLU A 84 -2.46 -29.66 32.12
CA GLU A 84 -3.51 -30.45 32.76
C GLU A 84 -4.43 -29.62 33.69
N GLU A 85 -5.30 -30.32 34.43
CA GLU A 85 -6.60 -29.76 34.83
C GLU A 85 -6.63 -28.97 36.16
N PRO A 86 -7.24 -27.77 36.14
CA PRO A 86 -7.85 -27.19 34.95
C PRO A 86 -6.83 -26.48 34.04
N ILE A 87 -6.98 -26.69 32.73
CA ILE A 87 -6.05 -26.12 31.75
C ILE A 87 -6.10 -24.59 31.70
N TYR A 88 -4.95 -23.98 31.44
CA TYR A 88 -4.88 -22.55 31.16
C TYR A 88 -4.00 -22.27 29.95
N ILE A 89 -4.27 -21.17 29.27
CA ILE A 89 -3.38 -20.68 28.21
C ILE A 89 -3.02 -19.23 28.50
N VAL A 90 -1.83 -19.04 29.08
CA VAL A 90 -1.38 -17.71 29.49
C VAL A 90 -0.79 -16.94 28.31
N THR A 91 -1.34 -15.76 28.03
CA THR A 91 -0.87 -14.95 26.92
C THR A 91 -0.61 -13.50 27.31
N GLU A 92 -0.05 -12.76 26.36
CA GLU A 92 0.13 -11.32 26.45
C GLU A 92 -1.22 -10.61 26.67
N TYR A 93 -1.21 -9.53 27.45
CA TYR A 93 -2.43 -8.81 27.77
C TYR A 93 -2.59 -7.53 26.94
N MET A 94 -3.76 -7.40 26.31
CA MET A 94 -4.08 -6.23 25.50
C MET A 94 -5.12 -5.35 26.19
N SER A 95 -4.70 -4.16 26.60
CA SER A 95 -5.51 -3.31 27.47
C SER A 95 -6.85 -2.85 26.88
N LYS A 96 -6.95 -2.80 25.55
CA LYS A 96 -8.12 -2.17 24.92
C LYS A 96 -9.16 -3.16 24.42
N GLY A 97 -8.93 -4.45 24.61
CA GLY A 97 -9.92 -5.45 24.23
C GLY A 97 -10.04 -5.69 22.74
N SER A 98 -11.12 -6.35 22.34
CA SER A 98 -11.33 -6.72 20.94
C SER A 98 -11.54 -5.50 20.05
N LEU A 99 -11.11 -5.63 18.79
CA LEU A 99 -11.25 -4.56 17.81
C LEU A 99 -12.72 -4.25 17.52
N LEU A 100 -13.54 -5.29 17.51
CA LEU A 100 -14.96 -5.14 17.24
C LEU A 100 -15.64 -4.22 18.25
N ASP A 101 -15.40 -4.48 19.53
CA ASP A 101 -15.96 -3.65 20.60
C ASP A 101 -15.38 -2.24 20.55
N PHE A 102 -14.12 -2.14 20.15
CA PHE A 102 -13.43 -0.85 20.04
C PHE A 102 -14.07 0.02 18.98
N LEU A 103 -14.41 -0.58 17.84
CA LEU A 103 -15.03 0.13 16.73
C LEU A 103 -16.46 0.55 17.09
N LYS A 104 -17.18 -0.35 17.75
CA LYS A 104 -18.56 -0.09 18.16
C LYS A 104 -18.64 0.88 19.33
N GLY A 105 -17.62 0.84 20.19
CA GLY A 105 -17.63 1.60 21.43
C GLY A 105 -17.43 3.10 21.30
N GLU A 106 -17.15 3.73 22.43
CA GLU A 106 -17.00 5.17 22.54
C GLU A 106 -15.90 5.75 21.67
N MET A 107 -14.84 4.97 21.45
CA MET A 107 -13.69 5.45 20.69
C MET A 107 -13.92 5.39 19.18
N GLY A 108 -14.95 4.66 18.78
CA GLY A 108 -15.24 4.47 17.37
C GLY A 108 -15.66 5.74 16.64
N LYS A 109 -16.18 6.71 17.38
CA LYS A 109 -16.61 7.99 16.81
C LYS A 109 -15.45 8.74 16.18
N TYR A 110 -14.30 8.68 16.84
CA TYR A 110 -13.17 9.55 16.52
C TYR A 110 -12.21 8.93 15.51
N LEU A 111 -12.31 7.63 15.34
CA LEU A 111 -11.49 6.93 14.36
C LEU A 111 -11.85 7.35 12.94
N ARG A 112 -10.85 7.82 12.20
CA ARG A 112 -11.03 8.15 10.79
C ARG A 112 -10.21 7.20 9.94
N LEU A 113 -10.32 7.35 8.62
CA LEU A 113 -9.64 6.46 7.68
C LEU A 113 -8.12 6.29 7.91
N PRO A 114 -7.39 7.38 8.23
CA PRO A 114 -5.96 7.18 8.48
C PRO A 114 -5.66 6.24 9.65
N GLN A 115 -6.46 6.32 10.71
CA GLN A 115 -6.31 5.42 11.84
C GLN A 115 -6.73 4.00 11.47
N LEU A 116 -7.82 3.90 10.72
CA LEU A 116 -8.39 2.61 10.37
C LEU A 116 -7.52 1.85 9.36
N VAL A 117 -6.95 2.57 8.41
CA VAL A 117 -6.07 1.97 7.41
C VAL A 117 -4.78 1.48 8.08
N ASP A 118 -4.29 2.24 9.05
CA ASP A 118 -3.09 1.86 9.80
C ASP A 118 -3.34 0.61 10.63
N MET A 119 -4.55 0.49 11.17
CA MET A 119 -4.92 -0.71 11.91
C MET A 119 -4.98 -1.90 10.97
N ALA A 120 -5.47 -1.66 9.76
CA ALA A 120 -5.53 -2.68 8.73
C ALA A 120 -4.13 -3.11 8.30
N ALA A 121 -3.22 -2.14 8.22
CA ALA A 121 -1.84 -2.41 7.83
C ALA A 121 -1.15 -3.33 8.83
N GLN A 122 -1.40 -3.09 10.11
CA GLN A 122 -0.84 -3.92 11.18
C GLN A 122 -1.34 -5.34 11.10
N ILE A 123 -2.66 -5.49 10.91
CA ILE A 123 -3.29 -6.79 10.81
C ILE A 123 -2.76 -7.54 9.59
N ALA A 124 -2.58 -6.83 8.49
CA ALA A 124 -2.01 -7.41 7.28
C ALA A 124 -0.57 -7.85 7.50
N SER A 125 0.15 -7.10 8.33
CA SER A 125 1.53 -7.41 8.66
C SER A 125 1.62 -8.71 9.45
N GLY A 126 0.69 -8.88 10.41
CA GLY A 126 0.65 -10.09 11.20
C GLY A 126 0.26 -11.30 10.37
N MET A 127 -0.63 -11.10 9.42
CA MET A 127 -1.09 -12.18 8.54
C MET A 127 -0.06 -12.50 7.46
N ALA A 128 0.76 -11.51 7.11
CA ALA A 128 1.85 -11.73 6.16
C ALA A 128 2.87 -12.67 6.77
N TYR A 129 3.04 -12.57 8.09
CA TYR A 129 3.90 -13.47 8.83
C TYR A 129 3.32 -14.87 8.86
N VAL A 130 2.00 -14.96 9.09
CA VAL A 130 1.29 -16.23 9.04
C VAL A 130 1.44 -16.83 7.64
N GLU A 131 1.37 -15.97 6.64
CA GLU A 131 1.53 -16.36 5.25
C GLU A 131 2.91 -16.96 4.99
N ARG A 132 3.94 -16.33 5.52
CA ARG A 132 5.31 -16.80 5.35
C ARG A 132 5.54 -18.13 6.05
N MET A 133 4.85 -18.35 7.15
CA MET A 133 5.04 -19.55 7.96
C MET A 133 4.17 -20.71 7.50
N ASN A 134 3.46 -20.51 6.40
CA ASN A 134 2.58 -21.52 5.82
C ASN A 134 1.51 -22.02 6.79
N TYR A 135 0.86 -21.09 7.48
CA TYR A 135 -0.28 -21.40 8.33
C TYR A 135 -1.55 -20.77 7.77
N VAL A 136 -2.70 -21.22 8.28
CA VAL A 136 -3.96 -20.55 8.02
C VAL A 136 -4.61 -20.23 9.35
N HIS A 137 -5.24 -19.06 9.46
CA HIS A 137 -5.90 -18.67 10.70
C HIS A 137 -7.31 -19.25 10.77
N ARG A 138 -8.01 -19.20 9.64
CA ARG A 138 -9.37 -19.75 9.46
C ARG A 138 -10.46 -19.00 10.23
N ASP A 139 -10.09 -18.03 11.05
CA ASP A 139 -11.09 -17.28 11.81
C ASP A 139 -10.72 -15.80 11.92
N LEU A 140 -10.29 -15.22 10.80
CA LEU A 140 -9.89 -13.82 10.77
C LEU A 140 -11.11 -12.89 10.74
N ARG A 141 -11.26 -12.10 11.79
CA ARG A 141 -12.36 -11.16 11.92
C ARG A 141 -12.06 -10.15 13.03
N ALA A 142 -12.82 -9.05 13.04
CA ALA A 142 -12.57 -7.96 13.99
C ALA A 142 -12.74 -8.41 15.44
N ALA A 143 -13.60 -9.40 15.66
CA ALA A 143 -13.82 -9.94 17.00
C ALA A 143 -12.60 -10.71 17.48
N ASN A 144 -11.75 -11.11 16.54
CA ASN A 144 -10.55 -11.88 16.87
C ASN A 144 -9.28 -11.06 16.70
N ILE A 145 -9.42 -9.74 16.68
CA ILE A 145 -8.29 -8.83 16.73
C ILE A 145 -8.29 -8.13 18.08
N LEU A 146 -7.12 -8.04 18.70
CA LEU A 146 -7.01 -7.39 20.00
C LEU A 146 -6.24 -6.08 19.91
N VAL A 147 -6.75 -5.06 20.59
CA VAL A 147 -6.13 -3.74 20.56
C VAL A 147 -5.38 -3.46 21.86
N GLY A 148 -4.17 -2.92 21.73
CA GLY A 148 -3.39 -2.52 22.89
C GLY A 148 -3.27 -1.01 22.94
N GLU A 149 -2.29 -0.52 23.68
CA GLU A 149 -2.05 0.92 23.76
C GLU A 149 -1.56 1.44 22.42
N ASN A 150 -1.74 2.73 22.19
CA ASN A 150 -1.25 3.38 20.97
C ASN A 150 -1.87 2.80 19.70
N LEU A 151 -3.13 2.35 19.81
CA LEU A 151 -3.87 1.78 18.68
C LEU A 151 -3.16 0.59 18.04
N VAL A 152 -2.39 -0.14 18.83
CA VAL A 152 -1.69 -1.32 18.35
C VAL A 152 -2.67 -2.49 18.19
N CYS A 153 -2.69 -3.09 17.01
CA CYS A 153 -3.59 -4.21 16.73
C CYS A 153 -2.84 -5.51 16.50
N LYS A 154 -3.29 -6.58 17.15
CA LYS A 154 -2.66 -7.88 17.01
C LYS A 154 -3.68 -8.97 16.72
N VAL A 155 -3.34 -9.88 15.80
CA VAL A 155 -4.20 -11.01 15.48
C VAL A 155 -4.23 -11.98 16.66
N ALA A 156 -5.41 -12.50 16.97
CA ALA A 156 -5.57 -13.35 18.16
C ALA A 156 -6.43 -14.58 17.90
N ASP A 157 -6.65 -15.39 18.93
CA ASP A 157 -7.53 -16.55 18.85
C ASP A 157 -7.20 -17.55 17.76
N PHE A 158 -6.16 -18.34 17.96
CA PHE A 158 -5.74 -19.28 16.93
C PHE A 158 -6.34 -20.67 17.17
N GLY A 159 -7.56 -20.70 17.70
CA GLY A 159 -8.23 -21.94 18.03
C GLY A 159 -8.48 -22.84 16.84
N LEU A 160 -8.61 -22.23 15.66
CA LEU A 160 -8.87 -22.99 14.45
C LEU A 160 -7.68 -22.93 13.49
N ALA A 161 -6.61 -22.25 13.91
CA ALA A 161 -5.42 -22.14 13.10
C ALA A 161 -4.76 -23.50 12.92
N ARG A 162 -4.27 -23.77 11.71
CA ARG A 162 -3.61 -25.04 11.43
C ARG A 162 -2.59 -24.94 10.32
N LEU A 163 -1.59 -25.81 10.39
CA LEU A 163 -0.55 -25.91 9.36
C LEU A 163 -1.12 -26.48 8.07
N ILE A 164 -0.71 -25.93 6.94
CA ILE A 164 -1.23 -26.37 5.65
C ILE A 164 -0.51 -27.58 5.08
N GLU A 165 -1.24 -28.69 4.98
CA GLU A 165 -0.92 -29.81 4.09
C GLU A 165 -1.85 -30.98 4.40
N GLY A 174 -14.24 -30.28 16.58
CA GLY A 174 -13.95 -28.86 16.48
C GLY A 174 -15.21 -28.03 16.58
N ALA A 175 -15.38 -27.12 15.62
CA ALA A 175 -16.55 -26.27 15.57
C ALA A 175 -16.92 -25.94 14.12
N LYS A 176 -17.58 -24.80 13.95
CA LYS A 176 -17.96 -24.36 12.63
C LYS A 176 -17.33 -23.00 12.33
N PHE A 177 -17.75 -22.39 11.25
CA PHE A 177 -17.12 -21.19 10.75
C PHE A 177 -18.15 -20.16 10.32
N PRO A 178 -17.97 -18.91 10.77
CA PRO A 178 -18.90 -17.82 10.41
C PRO A 178 -18.88 -17.54 8.92
N ILE A 179 -19.99 -17.87 8.26
CA ILE A 179 -20.10 -17.80 6.80
C ILE A 179 -19.88 -16.39 6.25
N LYS A 180 -20.25 -15.38 7.02
CA LYS A 180 -20.13 -13.99 6.55
C LYS A 180 -18.68 -13.54 6.43
N TRP A 181 -17.77 -14.26 7.07
CA TRP A 181 -16.35 -13.95 7.01
C TRP A 181 -15.57 -15.00 6.21
N THR A 182 -16.23 -16.10 5.90
CA THR A 182 -15.55 -17.24 5.30
C THR A 182 -15.66 -17.25 3.78
N ALA A 183 -14.54 -17.50 3.11
CA ALA A 183 -14.52 -17.67 1.67
C ALA A 183 -15.39 -18.84 1.26
N PRO A 184 -16.17 -18.68 0.18
CA PRO A 184 -17.13 -19.70 -0.29
C PRO A 184 -16.51 -21.08 -0.48
N GLU A 185 -15.29 -21.14 -1.02
CA GLU A 185 -14.65 -22.43 -1.27
C GLU A 185 -14.28 -23.14 0.02
N ALA A 186 -14.15 -22.37 1.10
CA ALA A 186 -13.81 -22.92 2.41
C ALA A 186 -15.06 -23.35 3.16
N ALA A 187 -16.11 -22.53 3.08
CA ALA A 187 -17.36 -22.84 3.75
C ALA A 187 -18.06 -24.02 3.10
N LEU A 188 -17.86 -24.19 1.80
CA LEU A 188 -18.53 -25.25 1.05
C LEU A 188 -17.72 -26.54 1.01
N TYR A 189 -16.46 -26.45 0.62
CA TYR A 189 -15.67 -27.63 0.31
C TYR A 189 -14.48 -27.81 1.26
N GLY A 190 -14.48 -27.07 2.36
CA GLY A 190 -13.45 -27.19 3.38
C GLY A 190 -12.06 -26.85 2.90
N ARG A 191 -11.98 -26.04 1.85
CA ARG A 191 -10.70 -25.67 1.27
C ARG A 191 -10.13 -24.40 1.91
N PHE A 192 -9.53 -24.57 3.08
CA PHE A 192 -8.97 -23.43 3.81
C PHE A 192 -7.51 -23.19 3.45
N THR A 193 -7.26 -22.07 2.79
CA THR A 193 -5.90 -21.66 2.45
C THR A 193 -5.61 -20.28 3.02
N ILE A 194 -4.41 -19.77 2.76
CA ILE A 194 -4.08 -18.41 3.16
C ILE A 194 -4.90 -17.43 2.31
N LYS A 195 -5.35 -17.91 1.16
CA LYS A 195 -6.16 -17.11 0.24
C LYS A 195 -7.59 -16.97 0.75
N SER A 196 -8.06 -17.94 1.52
CA SER A 196 -9.38 -17.84 2.14
C SER A 196 -9.31 -16.90 3.34
N ASP A 197 -8.12 -16.79 3.92
CA ASP A 197 -7.88 -15.81 4.97
C ASP A 197 -7.87 -14.41 4.38
N VAL A 198 -7.38 -14.30 3.15
CA VAL A 198 -7.37 -13.03 2.43
C VAL A 198 -8.79 -12.55 2.20
N TRP A 199 -9.68 -13.49 1.87
CA TRP A 199 -11.11 -13.19 1.75
C TRP A 199 -11.62 -12.60 3.04
N SER A 200 -11.28 -13.24 4.16
CA SER A 200 -11.73 -12.80 5.48
C SER A 200 -11.20 -11.41 5.80
N PHE A 201 -9.98 -11.12 5.36
CA PHE A 201 -9.38 -9.81 5.58
C PHE A 201 -10.17 -8.72 4.85
N GLY A 202 -10.66 -9.04 3.66
CA GLY A 202 -11.48 -8.12 2.89
C GLY A 202 -12.76 -7.80 3.62
N ILE A 203 -13.36 -8.81 4.24
CA ILE A 203 -14.55 -8.64 5.05
C ILE A 203 -14.23 -7.79 6.27
N LEU A 204 -13.05 -8.00 6.84
CA LEU A 204 -12.59 -7.24 8.00
C LEU A 204 -12.48 -5.76 7.64
N LEU A 205 -12.09 -5.47 6.40
CA LEU A 205 -11.96 -4.10 5.93
C LEU A 205 -13.30 -3.37 5.91
N THR A 206 -14.38 -4.11 5.73
CA THR A 206 -15.71 -3.52 5.77
C THR A 206 -16.12 -3.24 7.21
N GLU A 207 -15.64 -4.09 8.12
CA GLU A 207 -15.88 -3.88 9.55
C GLU A 207 -15.19 -2.60 10.02
N LEU A 208 -13.95 -2.41 9.57
CA LEU A 208 -13.17 -1.23 9.92
C LEU A 208 -13.81 0.05 9.39
N THR A 209 -14.31 -0.01 8.16
CA THR A 209 -14.82 1.17 7.48
C THR A 209 -16.28 1.48 7.83
N THR A 210 -16.95 0.55 8.51
CA THR A 210 -18.33 0.77 8.94
C THR A 210 -18.44 0.84 10.45
N LYS A 211 -17.29 0.97 11.13
CA LYS A 211 -17.22 1.06 12.58
C LYS A 211 -17.83 -0.17 13.27
N GLY A 212 -17.53 -1.35 12.74
CA GLY A 212 -17.88 -2.60 13.40
C GLY A 212 -19.25 -3.16 13.08
N ARG A 213 -19.83 -2.76 11.96
CA ARG A 213 -21.14 -3.28 11.56
C ARG A 213 -21.02 -4.67 10.95
N VAL A 214 -21.99 -5.53 11.27
CA VAL A 214 -22.04 -6.87 10.72
C VAL A 214 -22.16 -6.84 9.20
N PRO A 215 -21.31 -7.62 8.52
CA PRO A 215 -21.32 -7.70 7.05
C PRO A 215 -22.66 -8.19 6.50
N TYR A 216 -22.94 -7.84 5.24
CA TYR A 216 -24.19 -8.23 4.57
C TYR A 216 -25.42 -7.90 5.42
N PRO A 217 -25.70 -6.60 5.60
CA PRO A 217 -26.81 -6.15 6.45
C PRO A 217 -28.17 -6.66 5.96
N GLY A 218 -28.96 -7.22 6.86
CA GLY A 218 -30.29 -7.71 6.53
C GLY A 218 -30.28 -9.04 5.82
N MET A 219 -29.10 -9.63 5.67
CA MET A 219 -28.96 -10.93 5.00
C MET A 219 -28.58 -12.02 5.99
N VAL A 220 -29.43 -13.03 6.11
CA VAL A 220 -29.15 -14.16 6.99
C VAL A 220 -28.18 -15.12 6.32
N ASN A 221 -27.66 -16.07 7.11
CA ASN A 221 -26.44 -16.80 6.78
C ASN A 221 -26.29 -17.48 5.42
N ARG A 222 -27.34 -18.13 4.92
CA ARG A 222 -27.19 -18.75 3.61
C ARG A 222 -28.04 -18.07 2.55
N GLU A 223 -28.65 -16.96 2.91
CA GLU A 223 -28.95 -15.97 1.89
C GLU A 223 -27.58 -15.40 1.50
N VAL A 224 -26.70 -15.31 2.48
CA VAL A 224 -25.36 -14.77 2.26
C VAL A 224 -24.59 -15.56 1.21
N LEU A 225 -24.46 -16.87 1.40
CA LEU A 225 -23.62 -17.68 0.51
C LEU A 225 -24.25 -17.83 -0.87
N ASP A 226 -25.57 -18.01 -0.93
CA ASP A 226 -26.27 -18.12 -2.21
C ASP A 226 -26.10 -16.84 -3.03
N GLN A 227 -26.02 -15.69 -2.37
CA GLN A 227 -25.79 -14.44 -3.10
C GLN A 227 -24.32 -14.28 -3.45
N VAL A 228 -23.45 -14.65 -2.51
CA VAL A 228 -22.03 -14.64 -2.78
C VAL A 228 -21.70 -15.55 -3.95
N GLU A 229 -22.49 -16.60 -4.14
CA GLU A 229 -22.27 -17.50 -5.26
C GLU A 229 -22.87 -17.00 -6.58
N ARG A 230 -23.82 -16.08 -6.51
CA ARG A 230 -24.32 -15.47 -7.73
C ARG A 230 -23.41 -14.31 -8.11
N GLY A 231 -22.37 -14.11 -7.31
CA GLY A 231 -21.37 -13.10 -7.58
C GLY A 231 -21.63 -11.79 -6.86
N TYR A 232 -22.52 -11.82 -5.86
CA TYR A 232 -22.79 -10.62 -5.09
C TYR A 232 -21.61 -10.25 -4.20
N ARG A 233 -21.32 -8.97 -4.15
CA ARG A 233 -20.29 -8.43 -3.27
C ARG A 233 -20.83 -7.21 -2.55
N MET A 234 -20.37 -6.99 -1.31
CA MET A 234 -20.76 -5.80 -0.57
C MET A 234 -20.30 -4.55 -1.31
N PRO A 235 -21.16 -3.52 -1.34
CA PRO A 235 -20.83 -2.27 -2.03
C PRO A 235 -19.85 -1.43 -1.25
N CYS A 236 -19.32 -0.39 -1.89
CA CYS A 236 -18.43 0.54 -1.22
C CYS A 236 -19.15 1.26 -0.09
N PRO A 237 -18.67 1.07 1.15
CA PRO A 237 -19.26 1.73 2.32
C PRO A 237 -19.23 3.25 2.18
N PRO A 238 -20.19 3.94 2.82
CA PRO A 238 -20.25 5.41 2.74
C PRO A 238 -18.95 6.07 3.21
N GLU A 239 -18.48 7.04 2.43
CA GLU A 239 -17.26 7.81 2.71
C GLU A 239 -15.97 7.00 2.52
N CYS A 240 -16.09 5.73 2.21
CA CYS A 240 -14.92 4.92 1.89
C CYS A 240 -14.47 5.22 0.47
N PRO A 241 -13.17 5.47 0.27
CA PRO A 241 -12.65 5.67 -1.08
C PRO A 241 -12.82 4.40 -1.91
N GLU A 242 -13.10 4.54 -3.20
CA GLU A 242 -13.34 3.39 -4.06
C GLU A 242 -12.08 2.56 -4.26
N SER A 243 -10.92 3.20 -4.13
CA SER A 243 -9.65 2.51 -4.23
C SER A 243 -9.52 1.46 -3.14
N LEU A 244 -10.08 1.76 -1.97
CA LEU A 244 -10.08 0.83 -0.86
C LEU A 244 -11.12 -0.27 -1.07
N HIS A 245 -12.23 0.09 -1.68
CA HIS A 245 -13.26 -0.91 -2.00
C HIS A 245 -12.78 -1.82 -3.11
N ASP A 246 -11.94 -1.28 -4.00
CA ASP A 246 -11.31 -2.09 -5.03
C ASP A 246 -10.46 -3.18 -4.39
N LEU A 247 -9.74 -2.81 -3.33
CA LEU A 247 -8.90 -3.74 -2.60
C LEU A 247 -9.75 -4.84 -1.96
N MET A 248 -10.90 -4.46 -1.42
CA MET A 248 -11.85 -5.42 -0.86
C MET A 248 -12.30 -6.41 -1.92
N CYS A 249 -12.65 -5.89 -3.09
CA CYS A 249 -13.17 -6.70 -4.19
C CYS A 249 -12.11 -7.66 -4.72
N GLN A 250 -10.84 -7.25 -4.64
CA GLN A 250 -9.74 -8.12 -5.05
C GLN A 250 -9.60 -9.28 -4.07
N CYS A 251 -9.88 -9.00 -2.80
CA CYS A 251 -9.86 -10.02 -1.76
C CYS A 251 -11.04 -10.97 -1.88
N TRP A 252 -12.05 -10.56 -2.64
CA TRP A 252 -13.29 -11.33 -2.77
C TRP A 252 -13.45 -11.98 -4.14
N ARG A 253 -12.36 -12.11 -4.88
CA ARG A 253 -12.43 -12.75 -6.19
C ARG A 253 -12.78 -14.23 -6.04
N LYS A 254 -13.62 -14.73 -6.94
CA LYS A 254 -14.12 -16.09 -6.85
C LYS A 254 -12.99 -17.12 -6.86
N ASP A 255 -11.99 -16.88 -7.68
CA ASP A 255 -10.81 -17.73 -7.73
C ASP A 255 -9.85 -17.33 -6.62
N PRO A 256 -9.69 -18.21 -5.61
CA PRO A 256 -8.84 -17.98 -4.45
C PRO A 256 -7.45 -17.52 -4.85
N GLU A 257 -7.01 -18.02 -5.99
CA GLU A 257 -5.68 -17.77 -6.47
C GLU A 257 -5.50 -16.39 -7.14
N GLU A 258 -6.62 -15.77 -7.52
CA GLU A 258 -6.58 -14.42 -8.05
C GLU A 258 -6.45 -13.40 -6.92
N ARG A 259 -6.69 -13.83 -5.69
CA ARG A 259 -6.64 -12.96 -4.52
C ARG A 259 -5.23 -12.51 -4.20
N PRO A 260 -5.08 -11.26 -3.71
CA PRO A 260 -3.77 -10.67 -3.37
C PRO A 260 -3.10 -11.36 -2.20
N THR A 261 -1.79 -11.20 -2.09
CA THR A 261 -1.04 -11.70 -0.94
C THR A 261 -1.13 -10.70 0.20
N PHE A 262 -0.88 -11.16 1.42
CA PHE A 262 -0.87 -10.27 2.57
C PHE A 262 0.36 -9.37 2.53
N GLU A 263 1.41 -9.84 1.87
CA GLU A 263 2.60 -9.04 1.63
C GLU A 263 2.24 -7.82 0.79
N TYR A 264 1.41 -8.05 -0.22
CA TYR A 264 0.91 -6.97 -1.06
C TYR A 264 0.00 -6.04 -0.27
N LEU A 265 -0.94 -6.63 0.48
CA LEU A 265 -1.89 -5.88 1.27
C LEU A 265 -1.21 -5.00 2.30
N GLN A 266 -0.15 -5.51 2.92
CA GLN A 266 0.58 -4.75 3.92
C GLN A 266 1.24 -3.52 3.32
N ALA A 267 1.95 -3.71 2.22
CA ALA A 267 2.64 -2.61 1.54
C ALA A 267 1.64 -1.59 0.98
N PHE A 268 0.54 -2.09 0.45
CA PHE A 268 -0.51 -1.24 -0.11
C PHE A 268 -1.11 -0.33 0.95
N LEU A 269 -1.41 -0.90 2.12
CA LEU A 269 -2.06 -0.16 3.19
C LEU A 269 -1.08 0.77 3.92
N GLU A 270 0.16 0.33 4.05
CA GLU A 270 1.19 1.15 4.68
C GLU A 270 1.50 2.40 3.87
N ASP A 271 1.42 2.27 2.55
CA ASP A 271 1.74 3.37 1.64
C ASP A 271 0.50 4.11 1.13
N TYR A 272 -0.66 3.74 1.66
CA TYR A 272 -1.96 4.14 1.10
C TYR A 272 -2.12 5.64 0.82
N PHE A 273 -1.80 6.49 1.80
CA PHE A 273 -2.10 7.90 1.69
C PHE A 273 -1.03 8.72 0.97
N THR A 274 -0.05 8.03 0.38
CA THR A 274 0.95 8.68 -0.44
C THR A 274 0.84 8.20 -1.89
N SER A 275 0.69 6.90 -2.05
CA SER A 275 0.72 6.28 -3.37
C SER A 275 -0.67 6.11 -4.00
N THR A 276 -1.68 5.92 -3.17
CA THR A 276 -3.01 5.60 -3.66
C THR A 276 -4.01 6.76 -3.49
N GLU A 277 -4.09 7.30 -2.29
CA GLU A 277 -4.97 8.44 -2.02
C GLU A 277 -4.21 9.64 -1.47
N PRO A 278 -3.37 10.27 -2.31
CA PRO A 278 -2.57 11.40 -1.86
C PRO A 278 -3.40 12.65 -1.58
N GLN A 279 -4.60 12.71 -2.14
CA GLN A 279 -5.47 13.86 -1.98
C GLN A 279 -6.65 13.57 -1.04
N TYR A 280 -6.44 12.66 -0.10
CA TYR A 280 -7.46 12.35 0.89
C TYR A 280 -7.74 13.56 1.78
N GLN A 281 -9.01 13.82 2.03
CA GLN A 281 -9.41 14.84 2.98
C GLN A 281 -10.49 14.28 3.90
N PRO A 282 -10.36 14.52 5.22
CA PRO A 282 -11.27 13.98 6.23
C PRO A 282 -12.74 14.30 5.99
N GLY A 283 -13.60 13.35 6.31
CA GLY A 283 -15.04 13.55 6.21
C GLY A 283 -15.66 13.58 7.59
N GLU A 284 -16.97 13.35 7.66
CA GLU A 284 -17.66 13.35 8.94
C GLU A 284 -17.51 12.03 9.70
N ASN A 285 -17.28 10.96 8.95
CA ASN A 285 -17.15 9.63 9.56
C ASN A 285 -15.83 8.95 9.20
N LEU A 286 -15.36 9.15 7.98
CA LEU A 286 -14.10 8.55 7.54
C LEU A 286 -13.12 9.61 7.05
N ALA B 12 -2.74 26.96 -33.83
CA ALA B 12 -1.90 25.92 -34.41
C ALA B 12 -2.17 24.56 -33.79
N TRP B 13 -2.23 24.52 -32.47
CA TRP B 13 -2.48 23.28 -31.74
C TRP B 13 -3.98 23.05 -31.57
N GLU B 14 -4.79 24.06 -31.87
CA GLU B 14 -6.23 23.97 -31.65
C GLU B 14 -6.95 22.90 -32.50
N ILE B 15 -7.96 22.27 -31.92
CA ILE B 15 -8.80 21.30 -32.63
C ILE B 15 -10.29 21.46 -32.33
N PRO B 16 -11.15 20.94 -33.22
CA PRO B 16 -12.60 20.93 -32.97
C PRO B 16 -12.99 19.99 -31.84
N ARG B 17 -14.07 20.33 -31.13
CA ARG B 17 -14.53 19.56 -29.99
C ARG B 17 -15.14 18.22 -30.36
N GLU B 18 -15.54 18.07 -31.63
CA GLU B 18 -16.14 16.82 -32.09
C GLU B 18 -15.08 15.85 -32.61
N SER B 19 -13.83 16.31 -32.63
CA SER B 19 -12.71 15.48 -33.06
C SER B 19 -12.45 14.36 -32.07
N LEU B 20 -12.58 14.68 -30.78
CA LEU B 20 -12.25 13.73 -29.73
C LEU B 20 -13.47 13.07 -29.08
N ARG B 21 -13.32 11.79 -28.77
CA ARG B 21 -14.35 11.04 -28.07
C ARG B 21 -13.83 10.52 -26.74
N LEU B 22 -14.30 11.09 -25.64
CA LEU B 22 -13.89 10.65 -24.32
C LEU B 22 -14.53 9.31 -24.00
N GLU B 23 -13.76 8.24 -24.11
CA GLU B 23 -14.29 6.89 -24.02
C GLU B 23 -14.23 6.31 -22.61
N VAL B 24 -13.01 6.15 -22.09
CA VAL B 24 -12.82 5.57 -20.76
C VAL B 24 -12.14 6.55 -19.81
N LYS B 25 -12.73 6.70 -18.62
CA LYS B 25 -12.16 7.55 -17.59
C LYS B 25 -11.00 6.83 -16.90
N LEU B 26 -9.95 7.56 -16.57
CA LEU B 26 -8.74 6.95 -16.02
C LEU B 26 -8.41 7.45 -14.61
N GLY B 27 -8.33 8.77 -14.47
CA GLY B 27 -8.04 9.38 -13.18
C GLY B 27 -8.86 10.63 -12.97
N GLN B 28 -8.78 11.20 -11.78
CA GLN B 28 -9.53 12.42 -11.47
C GLN B 28 -9.04 13.07 -10.19
N GLY B 29 -8.64 14.34 -10.32
CA GLY B 29 -8.44 15.20 -9.17
C GLY B 29 -9.69 16.06 -9.10
N CYS B 30 -9.76 16.98 -8.15
CA CYS B 30 -10.91 17.88 -8.08
C CYS B 30 -10.72 19.05 -9.03
N PHE B 31 -9.62 19.00 -9.79
CA PHE B 31 -9.28 20.06 -10.73
C PHE B 31 -9.36 19.56 -12.17
N GLY B 32 -9.94 18.37 -12.36
CA GLY B 32 -10.07 17.81 -13.68
C GLY B 32 -10.03 16.30 -13.75
N GLU B 33 -10.29 15.76 -14.94
CA GLU B 33 -10.27 14.32 -15.16
C GLU B 33 -9.23 13.95 -16.22
N VAL B 34 -9.00 12.64 -16.37
CA VAL B 34 -8.16 12.13 -17.44
C VAL B 34 -8.89 10.98 -18.14
N TRP B 35 -8.95 11.05 -19.46
CA TRP B 35 -9.68 10.06 -20.24
C TRP B 35 -8.82 9.43 -21.34
N MET B 36 -9.01 8.13 -21.55
CA MET B 36 -8.56 7.52 -22.80
C MET B 36 -9.61 7.84 -23.84
N GLY B 37 -9.19 8.20 -25.04
CA GLY B 37 -10.14 8.57 -26.06
C GLY B 37 -9.67 8.30 -27.47
N THR B 38 -10.32 8.95 -28.43
CA THR B 38 -9.94 8.85 -29.83
C THR B 38 -9.94 10.25 -30.42
N TRP B 39 -9.01 10.53 -31.32
CA TRP B 39 -8.91 11.83 -31.96
C TRP B 39 -9.03 11.67 -33.47
N ASN B 40 -10.00 12.35 -34.07
CA ASN B 40 -10.34 12.23 -35.48
C ASN B 40 -10.77 10.82 -35.87
N GLY B 41 -11.35 10.10 -34.92
CA GLY B 41 -11.87 8.77 -35.17
C GLY B 41 -10.82 7.69 -35.42
N THR B 42 -9.55 8.03 -35.24
CA THR B 42 -8.48 7.08 -35.52
C THR B 42 -7.48 6.89 -34.39
N THR B 43 -6.98 7.98 -33.81
CA THR B 43 -5.87 7.89 -32.87
C THR B 43 -6.30 7.75 -31.42
N ARG B 44 -5.82 6.69 -30.77
CA ARG B 44 -6.00 6.53 -29.34
C ARG B 44 -5.19 7.58 -28.61
N VAL B 45 -5.86 8.38 -27.80
CA VAL B 45 -5.22 9.51 -27.13
C VAL B 45 -5.55 9.59 -25.65
N ALA B 46 -4.88 10.50 -24.95
CA ALA B 46 -5.18 10.79 -23.56
C ALA B 46 -5.68 12.22 -23.45
N ILE B 47 -6.79 12.42 -22.75
CA ILE B 47 -7.42 13.73 -22.67
C ILE B 47 -7.57 14.22 -21.23
N LYS B 48 -6.97 15.37 -20.94
CA LYS B 48 -7.10 15.97 -19.63
C LYS B 48 -8.09 17.13 -19.66
N THR B 49 -9.14 17.01 -18.87
CA THR B 49 -10.13 18.07 -18.77
C THR B 49 -9.85 18.92 -17.54
N LEU B 50 -10.26 20.18 -17.60
CA LEU B 50 -10.34 21.02 -16.41
C LEU B 50 -11.79 21.20 -16.07
N LYS B 51 -12.15 21.04 -14.80
CA LYS B 51 -13.50 21.39 -14.37
C LYS B 51 -13.53 22.83 -13.89
N PRO B 52 -14.12 23.71 -14.71
CA PRO B 52 -14.18 25.17 -14.52
C PRO B 52 -14.63 25.58 -13.12
N GLY B 53 -13.82 26.39 -12.45
CA GLY B 53 -14.14 26.85 -11.11
C GLY B 53 -13.37 26.10 -10.05
N THR B 54 -12.21 25.60 -10.42
CA THR B 54 -11.31 24.93 -9.47
C THR B 54 -9.91 25.47 -9.65
N MET B 55 -9.43 25.44 -10.89
CA MET B 55 -8.18 26.09 -11.25
C MET B 55 -8.46 27.19 -12.24
N SER B 56 -7.67 28.26 -12.19
CA SER B 56 -7.76 29.30 -13.19
C SER B 56 -7.40 28.67 -14.53
N PRO B 57 -8.14 29.04 -15.59
CA PRO B 57 -7.79 28.59 -16.94
C PRO B 57 -6.33 28.96 -17.23
N GLU B 58 -5.89 30.06 -16.63
CA GLU B 58 -4.50 30.47 -16.64
C GLU B 58 -3.58 29.44 -16.00
N ALA B 59 -4.04 28.84 -14.90
CA ALA B 59 -3.19 27.93 -14.14
C ALA B 59 -3.11 26.56 -14.83
N PHE B 60 -4.26 26.04 -15.23
CA PHE B 60 -4.37 24.70 -15.79
C PHE B 60 -3.69 24.55 -17.15
N LEU B 61 -3.75 25.60 -17.95
CA LEU B 61 -3.40 25.49 -19.38
C LEU B 61 -1.90 25.55 -19.66
N GLN B 62 -1.12 26.00 -18.68
CA GLN B 62 0.30 26.26 -18.92
C GLN B 62 1.20 25.03 -18.83
N GLU B 63 0.61 23.88 -18.50
CA GLU B 63 1.31 22.62 -18.70
C GLU B 63 1.44 22.41 -20.20
N ALA B 64 0.46 22.91 -20.94
CA ALA B 64 0.47 22.83 -22.39
C ALA B 64 1.40 23.88 -23.02
N GLN B 65 1.46 25.08 -22.44
CA GLN B 65 2.41 26.10 -22.91
C GLN B 65 3.84 25.57 -22.93
N VAL B 66 4.18 24.74 -21.94
CA VAL B 66 5.51 24.16 -21.83
C VAL B 66 5.70 23.01 -22.82
N MET B 67 4.68 22.18 -22.96
CA MET B 67 4.75 21.00 -23.81
C MET B 67 4.76 21.35 -25.30
N LYS B 68 4.56 22.62 -25.62
CA LYS B 68 4.71 23.10 -26.98
C LYS B 68 6.19 23.26 -27.33
N LYS B 69 6.98 23.59 -26.32
CA LYS B 69 8.39 23.92 -26.51
C LYS B 69 9.32 22.73 -26.29
N LEU B 70 8.74 21.56 -26.02
CA LEU B 70 9.55 20.38 -25.73
C LEU B 70 9.10 19.17 -26.54
N ARG B 71 10.02 18.62 -27.32
CA ARG B 71 9.74 17.40 -28.09
C ARG B 71 10.90 16.41 -27.95
N HIS B 72 10.57 15.20 -27.49
CA HIS B 72 11.56 14.15 -27.29
C HIS B 72 10.84 12.82 -27.15
N GLU B 73 11.46 11.75 -27.62
CA GLU B 73 10.82 10.44 -27.64
C GLU B 73 10.60 9.86 -26.23
N LYS B 74 11.14 10.54 -25.22
CA LYS B 74 10.99 10.09 -23.84
C LYS B 74 10.24 11.11 -22.99
N LEU B 75 9.64 12.10 -23.65
CA LEU B 75 8.68 12.98 -23.00
C LEU B 75 7.30 12.69 -23.56
N VAL B 76 6.27 12.75 -22.71
CA VAL B 76 4.90 12.57 -23.19
C VAL B 76 4.55 13.71 -24.14
N GLN B 77 4.16 13.36 -25.36
CA GLN B 77 3.94 14.34 -26.42
C GLN B 77 2.54 14.95 -26.40
N LEU B 78 2.47 16.27 -26.33
CA LEU B 78 1.22 17.01 -26.50
C LEU B 78 0.76 16.94 -27.95
N TYR B 79 -0.54 16.77 -28.19
CA TYR B 79 -1.00 16.59 -29.57
C TYR B 79 -1.75 17.82 -30.10
N ALA B 80 -2.76 18.27 -29.36
CA ALA B 80 -3.60 19.42 -29.69
C ALA B 80 -4.17 20.03 -28.38
N VAL B 81 -4.94 21.11 -28.50
CA VAL B 81 -5.52 21.72 -27.31
C VAL B 81 -6.84 22.46 -27.58
N VAL B 82 -7.83 22.26 -26.72
CA VAL B 82 -9.04 23.06 -26.77
C VAL B 82 -8.93 24.11 -25.68
N SER B 83 -8.52 25.31 -26.09
CA SER B 83 -8.13 26.36 -25.15
C SER B 83 -9.27 26.83 -24.25
N GLU B 84 -10.32 27.37 -24.84
CA GLU B 84 -11.39 28.00 -24.06
C GLU B 84 -12.26 26.97 -23.34
N GLU B 85 -12.91 27.42 -22.27
CA GLU B 85 -13.77 26.58 -21.46
C GLU B 85 -14.93 26.03 -22.27
N PRO B 86 -15.19 24.72 -22.18
CA PRO B 86 -14.45 23.71 -21.40
C PRO B 86 -13.10 23.36 -21.99
N ILE B 87 -12.07 23.38 -21.16
CA ILE B 87 -10.70 23.16 -21.60
C ILE B 87 -10.38 21.67 -21.80
N TYR B 88 -9.61 21.38 -22.85
CA TYR B 88 -9.15 20.02 -23.11
C TYR B 88 -7.70 20.00 -23.59
N ILE B 89 -6.88 19.19 -22.92
CA ILE B 89 -5.52 18.91 -23.34
C ILE B 89 -5.44 17.44 -23.73
N VAL B 90 -5.11 17.18 -24.99
CA VAL B 90 -4.96 15.81 -25.44
C VAL B 90 -3.49 15.46 -25.64
N THR B 91 -3.07 14.27 -25.23
CA THR B 91 -1.65 13.95 -25.39
C THR B 91 -1.47 12.55 -25.93
N GLU B 92 -0.21 12.16 -26.08
CA GLU B 92 0.11 10.76 -26.39
C GLU B 92 -0.49 9.82 -25.34
N TYR B 93 -1.05 8.70 -25.77
CA TYR B 93 -1.64 7.74 -24.83
C TYR B 93 -0.62 6.69 -24.41
N MET B 94 -0.53 6.47 -23.09
CA MET B 94 0.41 5.52 -22.52
C MET B 94 -0.37 4.36 -21.88
N SER B 95 -0.45 3.25 -22.60
CA SER B 95 -1.32 2.12 -22.24
C SER B 95 -1.14 1.58 -20.83
N LYS B 96 0.09 1.59 -20.31
CA LYS B 96 0.38 0.92 -19.06
C LYS B 96 0.20 1.80 -17.82
N GLY B 97 -0.13 3.07 -18.03
CA GLY B 97 -0.38 3.98 -16.93
C GLY B 97 0.89 4.47 -16.25
N SER B 98 0.75 4.93 -15.01
CA SER B 98 1.87 5.49 -14.27
C SER B 98 2.88 4.41 -13.87
N LEU B 99 4.14 4.81 -13.77
CA LEU B 99 5.21 3.89 -13.38
C LEU B 99 4.97 3.36 -11.97
N LEU B 100 4.49 4.23 -11.09
CA LEU B 100 4.23 3.86 -9.71
C LEU B 100 3.21 2.72 -9.61
N ASP B 101 2.07 2.88 -10.27
CA ASP B 101 1.04 1.85 -10.29
C ASP B 101 1.57 0.57 -10.92
N PHE B 102 2.42 0.72 -11.93
CA PHE B 102 3.01 -0.41 -12.64
C PHE B 102 3.90 -1.23 -11.72
N LEU B 103 4.77 -0.56 -10.97
CA LEU B 103 5.69 -1.22 -10.06
C LEU B 103 4.96 -1.93 -8.92
N LYS B 104 3.90 -1.30 -8.43
CA LYS B 104 3.13 -1.85 -7.32
C LYS B 104 2.21 -2.97 -7.80
N GLY B 105 1.77 -2.89 -9.05
CA GLY B 105 0.82 -3.83 -9.61
C GLY B 105 1.36 -5.23 -9.85
N GLU B 106 0.61 -6.03 -10.60
CA GLU B 106 0.93 -7.44 -10.75
C GLU B 106 2.02 -7.71 -11.77
N MET B 107 2.47 -6.67 -12.46
CA MET B 107 3.53 -6.84 -13.45
C MET B 107 4.87 -6.39 -12.89
N GLY B 108 4.82 -5.57 -11.84
CA GLY B 108 6.02 -5.17 -11.13
C GLY B 108 6.66 -6.38 -10.46
N LYS B 109 5.82 -7.37 -10.16
CA LYS B 109 6.25 -8.63 -9.56
C LYS B 109 7.38 -9.31 -10.32
N TYR B 110 7.33 -9.22 -11.65
CA TYR B 110 8.27 -9.97 -12.47
C TYR B 110 9.36 -9.10 -13.07
N LEU B 111 9.34 -7.81 -12.76
CA LEU B 111 10.40 -6.92 -13.19
C LEU B 111 11.68 -7.21 -12.40
N ARG B 112 12.80 -7.32 -13.12
CA ARG B 112 14.09 -7.51 -12.49
C ARG B 112 14.99 -6.32 -12.77
N LEU B 113 16.17 -6.31 -12.18
CA LEU B 113 17.09 -5.17 -12.30
C LEU B 113 17.43 -4.77 -13.75
N PRO B 114 17.62 -5.74 -14.67
CA PRO B 114 17.87 -5.31 -16.05
C PRO B 114 16.72 -4.49 -16.65
N GLN B 115 15.49 -4.84 -16.33
CA GLN B 115 14.33 -4.08 -16.81
C GLN B 115 14.26 -2.72 -16.14
N LEU B 116 14.42 -2.72 -14.82
CA LEU B 116 14.29 -1.50 -14.02
C LEU B 116 15.37 -0.48 -14.33
N VAL B 117 16.57 -0.96 -14.68
CA VAL B 117 17.67 -0.07 -15.01
C VAL B 117 17.48 0.52 -16.41
N ASP B 118 16.97 -0.29 -17.33
CA ASP B 118 16.63 0.19 -18.67
C ASP B 118 15.57 1.28 -18.61
N MET B 119 14.62 1.13 -17.70
CA MET B 119 13.59 2.13 -17.49
C MET B 119 14.20 3.42 -16.93
N ALA B 120 15.18 3.25 -16.04
CA ALA B 120 15.88 4.40 -15.46
C ALA B 120 16.68 5.13 -16.54
N ALA B 121 17.22 4.37 -17.48
CA ALA B 121 17.99 4.93 -18.59
C ALA B 121 17.12 5.76 -19.52
N GLN B 122 15.88 5.32 -19.70
CA GLN B 122 14.93 6.04 -20.54
C GLN B 122 14.54 7.36 -19.90
N ILE B 123 14.28 7.32 -18.59
CA ILE B 123 13.89 8.52 -17.85
C ILE B 123 15.04 9.52 -17.78
N ALA B 124 16.25 9.02 -17.54
CA ALA B 124 17.43 9.86 -17.51
C ALA B 124 17.68 10.50 -18.88
N SER B 125 17.39 9.74 -19.93
CA SER B 125 17.50 10.25 -21.29
C SER B 125 16.54 11.43 -21.52
N GLY B 126 15.32 11.27 -21.04
CA GLY B 126 14.32 12.32 -21.14
C GLY B 126 14.70 13.54 -20.33
N MET B 127 15.24 13.31 -19.14
CA MET B 127 15.68 14.39 -18.27
C MET B 127 16.98 15.02 -18.77
N ALA B 128 17.72 14.27 -19.59
CA ALA B 128 18.92 14.80 -20.22
C ALA B 128 18.52 15.84 -21.25
N TYR B 129 17.42 15.57 -21.96
CA TYR B 129 16.88 16.51 -22.93
C TYR B 129 16.37 17.77 -22.25
N VAL B 130 15.66 17.59 -21.15
CA VAL B 130 15.19 18.70 -20.33
C VAL B 130 16.38 19.53 -19.86
N GLU B 131 17.43 18.84 -19.44
CA GLU B 131 18.68 19.46 -19.02
C GLU B 131 19.28 20.34 -20.12
N ARG B 132 19.28 19.82 -21.35
CA ARG B 132 19.83 20.53 -22.49
C ARG B 132 19.06 21.81 -22.80
N MET B 133 17.75 21.79 -22.56
CA MET B 133 16.89 22.92 -22.88
C MET B 133 16.81 23.92 -21.72
N ASN B 134 17.59 23.69 -20.68
CA ASN B 134 17.64 24.55 -19.50
C ASN B 134 16.31 24.67 -18.77
N TYR B 135 15.63 23.55 -18.59
CA TYR B 135 14.37 23.52 -17.83
C TYR B 135 14.53 22.75 -16.53
N VAL B 136 13.66 23.02 -15.56
CA VAL B 136 13.54 22.19 -14.37
C VAL B 136 12.15 21.55 -14.39
N HIS B 137 12.06 20.31 -13.91
CA HIS B 137 10.78 19.62 -13.84
C HIS B 137 10.10 19.89 -12.50
N ARG B 138 10.89 19.87 -11.42
CA ARG B 138 10.45 20.18 -10.06
C ARG B 138 9.48 19.16 -9.47
N ASP B 139 9.12 18.13 -10.22
CA ASP B 139 8.21 17.11 -9.72
C ASP B 139 8.54 15.74 -10.30
N LEU B 140 9.82 15.44 -10.40
CA LEU B 140 10.27 14.16 -10.94
C LEU B 140 10.06 13.03 -9.93
N ARG B 141 9.26 12.05 -10.33
CA ARG B 141 8.92 10.92 -9.46
C ARG B 141 8.23 9.82 -10.27
N ALA B 142 8.08 8.64 -9.67
CA ALA B 142 7.49 7.49 -10.34
C ALA B 142 6.03 7.74 -10.73
N ALA B 143 5.33 8.52 -9.91
CA ALA B 143 3.93 8.82 -10.17
C ALA B 143 3.77 9.74 -11.38
N ASN B 144 4.86 10.39 -11.78
CA ASN B 144 4.84 11.28 -12.93
C ASN B 144 5.65 10.72 -14.09
N ILE B 145 5.85 9.40 -14.08
CA ILE B 145 6.39 8.70 -15.23
C ILE B 145 5.30 7.80 -15.79
N LEU B 146 5.12 7.83 -17.11
CA LEU B 146 4.10 7.00 -17.73
C LEU B 146 4.73 5.86 -18.53
N VAL B 147 4.11 4.70 -18.45
CA VAL B 147 4.62 3.52 -19.12
C VAL B 147 3.74 3.14 -20.31
N GLY B 148 4.37 2.78 -21.42
CA GLY B 148 3.64 2.33 -22.59
C GLY B 148 3.95 0.87 -22.88
N GLU B 149 3.64 0.43 -24.10
CA GLU B 149 3.92 -0.93 -24.51
C GLU B 149 5.43 -1.14 -24.60
N ASN B 150 5.87 -2.39 -24.43
CA ASN B 150 7.28 -2.76 -24.55
C ASN B 150 8.15 -2.06 -23.51
N LEU B 151 7.57 -1.83 -22.33
CA LEU B 151 8.26 -1.22 -21.19
C LEU B 151 8.88 0.13 -21.51
N VAL B 152 8.21 0.93 -22.31
CA VAL B 152 8.68 2.28 -22.63
C VAL B 152 8.25 3.27 -21.56
N CYS B 153 9.19 4.07 -21.06
CA CYS B 153 8.89 5.05 -20.02
C CYS B 153 9.12 6.47 -20.50
N LYS B 154 8.22 7.38 -20.12
CA LYS B 154 8.31 8.76 -20.52
C LYS B 154 8.01 9.72 -19.38
N VAL B 155 8.77 10.81 -19.31
CA VAL B 155 8.53 11.86 -18.33
C VAL B 155 7.21 12.57 -18.64
N ALA B 156 6.43 12.86 -17.60
CA ALA B 156 5.13 13.49 -17.79
C ALA B 156 4.85 14.56 -16.73
N ASP B 157 3.68 15.18 -16.85
CA ASP B 157 3.20 16.18 -15.90
C ASP B 157 4.18 17.33 -15.72
N PHE B 158 4.16 18.26 -16.68
CA PHE B 158 5.04 19.41 -16.66
C PHE B 158 4.34 20.63 -16.06
N GLY B 159 3.41 20.38 -15.15
CA GLY B 159 2.65 21.45 -14.52
C GLY B 159 3.49 22.45 -13.77
N LEU B 160 4.64 21.98 -13.26
CA LEU B 160 5.54 22.85 -12.51
C LEU B 160 6.82 23.14 -13.29
N ALA B 161 6.90 22.60 -14.50
CA ALA B 161 8.10 22.71 -15.33
C ALA B 161 8.34 24.13 -15.79
N ARG B 162 9.47 24.67 -15.37
CA ARG B 162 9.80 26.04 -15.69
C ARG B 162 11.20 26.17 -16.28
N LEU B 163 11.35 27.09 -17.24
CA LEU B 163 12.63 27.44 -17.83
C LEU B 163 13.46 28.18 -16.80
N ILE B 164 14.70 27.77 -16.55
CA ILE B 164 15.53 28.41 -15.54
C ILE B 164 15.88 29.86 -15.89
N GLU B 165 15.45 30.80 -15.05
CA GLU B 165 15.83 32.20 -15.21
C GLU B 165 17.10 32.56 -14.43
N GLY B 174 1.42 29.78 -6.56
CA GLY B 174 2.35 28.69 -6.34
C GLY B 174 1.83 27.68 -5.33
N ALA B 175 2.15 26.42 -5.54
CA ALA B 175 1.77 25.35 -4.62
C ALA B 175 2.98 24.93 -3.78
N LYS B 176 2.94 23.72 -3.26
CA LYS B 176 4.06 23.22 -2.46
C LYS B 176 4.55 21.87 -2.96
N PHE B 177 5.65 21.39 -2.39
CA PHE B 177 6.39 20.29 -2.98
C PHE B 177 6.59 19.10 -2.04
N PRO B 178 6.50 17.87 -2.59
CA PRO B 178 6.70 16.60 -1.87
C PRO B 178 8.10 16.47 -1.31
N ILE B 179 8.22 16.58 0.00
CA ILE B 179 9.51 16.65 0.69
C ILE B 179 10.39 15.41 0.45
N LYS B 180 9.78 14.23 0.39
CA LYS B 180 10.53 12.99 0.26
C LYS B 180 11.22 12.85 -1.09
N TRP B 181 10.77 13.61 -2.09
CA TRP B 181 11.37 13.57 -3.42
C TRP B 181 12.16 14.84 -3.72
N THR B 182 11.96 15.86 -2.91
CA THR B 182 12.53 17.18 -3.18
C THR B 182 13.90 17.37 -2.55
N ALA B 183 14.84 17.90 -3.33
CA ALA B 183 16.16 18.25 -2.83
C ALA B 183 16.02 19.27 -1.69
N PRO B 184 16.85 19.12 -0.64
CA PRO B 184 16.75 19.95 0.57
C PRO B 184 16.84 21.46 0.31
N GLU B 185 17.74 21.87 -0.59
CA GLU B 185 17.91 23.30 -0.86
C GLU B 185 16.69 23.87 -1.57
N ALA B 186 15.97 23.01 -2.28
CA ALA B 186 14.77 23.43 -2.99
C ALA B 186 13.57 23.50 -2.05
N ALA B 187 13.46 22.50 -1.18
CA ALA B 187 12.40 22.45 -0.19
C ALA B 187 12.51 23.61 0.79
N LEU B 188 13.72 23.82 1.30
CA LEU B 188 13.97 24.90 2.24
C LEU B 188 13.95 26.26 1.56
N TYR B 189 14.90 26.50 0.67
CA TYR B 189 15.18 27.85 0.19
C TYR B 189 14.64 28.14 -1.21
N GLY B 190 13.83 27.24 -1.75
CA GLY B 190 13.24 27.43 -3.05
C GLY B 190 14.25 27.41 -4.18
N ARG B 191 15.42 26.86 -3.90
CA ARG B 191 16.51 26.76 -4.88
C ARG B 191 16.25 25.60 -5.85
N PHE B 192 15.44 25.84 -6.86
CA PHE B 192 15.08 24.80 -7.83
C PHE B 192 15.97 24.83 -9.07
N THR B 193 16.74 23.77 -9.27
CA THR B 193 17.59 23.65 -10.45
C THR B 193 17.48 22.25 -11.05
N ILE B 194 18.23 22.01 -12.13
CA ILE B 194 18.29 20.70 -12.73
C ILE B 194 18.97 19.72 -11.78
N LYS B 195 19.76 20.27 -10.85
CA LYS B 195 20.46 19.47 -9.85
C LYS B 195 19.49 18.97 -8.78
N SER B 196 18.41 19.71 -8.56
CA SER B 196 17.37 19.29 -7.63
C SER B 196 16.55 18.17 -8.26
N ASP B 197 16.41 18.21 -9.58
CA ASP B 197 15.77 17.13 -10.32
C ASP B 197 16.63 15.89 -10.27
N VAL B 198 17.94 16.07 -10.29
CA VAL B 198 18.89 14.97 -10.18
C VAL B 198 18.71 14.26 -8.83
N TRP B 199 18.51 15.05 -7.78
CA TRP B 199 18.20 14.52 -6.46
C TRP B 199 16.95 13.64 -6.52
N SER B 200 15.91 14.17 -7.17
CA SER B 200 14.64 13.46 -7.27
C SER B 200 14.78 12.18 -8.10
N PHE B 201 15.65 12.21 -9.10
CA PHE B 201 15.92 11.03 -9.90
C PHE B 201 16.57 9.95 -9.05
N GLY B 202 17.38 10.38 -8.08
CA GLY B 202 18.00 9.46 -7.15
C GLY B 202 16.95 8.77 -6.28
N ILE B 203 15.94 9.54 -5.88
CA ILE B 203 14.83 9.01 -5.12
C ILE B 203 14.00 8.06 -5.98
N LEU B 204 13.87 8.41 -7.26
CA LEU B 204 13.15 7.58 -8.23
C LEU B 204 13.78 6.20 -8.34
N LEU B 205 15.11 6.16 -8.30
CA LEU B 205 15.85 4.91 -8.40
C LEU B 205 15.49 3.94 -7.28
N THR B 206 15.25 4.48 -6.09
CA THR B 206 14.83 3.66 -4.96
C THR B 206 13.43 3.10 -5.18
N GLU B 207 12.56 3.93 -5.75
CA GLU B 207 11.21 3.51 -6.09
C GLU B 207 11.26 2.33 -7.08
N LEU B 208 12.17 2.43 -8.04
CA LEU B 208 12.35 1.38 -9.03
C LEU B 208 12.82 0.07 -8.40
N THR B 209 13.79 0.17 -7.50
CA THR B 209 14.43 -1.01 -6.93
C THR B 209 13.70 -1.57 -5.71
N THR B 210 12.64 -0.88 -5.28
CA THR B 210 11.82 -1.39 -4.17
C THR B 210 10.40 -1.68 -4.64
N LYS B 211 10.22 -1.68 -5.97
CA LYS B 211 8.93 -1.95 -6.60
C LYS B 211 7.85 -0.95 -6.16
N GLY B 212 8.23 0.32 -6.10
CA GLY B 212 7.25 1.39 -5.90
C GLY B 212 6.98 1.81 -4.47
N ARG B 213 7.80 1.35 -3.53
CA ARG B 213 7.62 1.69 -2.13
C ARG B 213 7.91 3.17 -1.86
N VAL B 214 7.22 3.72 -0.86
CA VAL B 214 7.44 5.11 -0.45
C VAL B 214 8.80 5.25 0.22
N PRO B 215 9.59 6.23 -0.24
CA PRO B 215 10.92 6.52 0.34
C PRO B 215 10.84 6.86 1.82
N TYR B 216 11.92 6.58 2.55
CA TYR B 216 11.99 6.84 3.99
C TYR B 216 10.81 6.22 4.74
N PRO B 217 10.73 4.88 4.76
CA PRO B 217 9.59 4.19 5.37
C PRO B 217 9.47 4.44 6.87
N GLY B 218 8.28 4.80 7.33
CA GLY B 218 8.04 5.02 8.74
C GLY B 218 8.51 6.37 9.23
N MET B 219 8.84 7.26 8.29
CA MET B 219 9.29 8.61 8.65
C MET B 219 8.32 9.66 8.12
N VAL B 220 7.93 10.58 8.99
CA VAL B 220 7.08 11.69 8.59
C VAL B 220 7.91 12.78 7.92
N ASN B 221 7.25 13.68 7.20
CA ASN B 221 7.93 14.68 6.38
C ASN B 221 8.84 15.62 7.19
N ARG B 222 8.40 16.01 8.38
CA ARG B 222 9.24 16.82 9.27
C ARG B 222 10.52 16.07 9.64
N GLU B 223 10.36 14.76 9.88
CA GLU B 223 11.47 13.92 10.31
C GLU B 223 12.43 13.65 9.16
N VAL B 224 11.89 13.62 7.95
CA VAL B 224 12.70 13.41 6.76
C VAL B 224 13.66 14.58 6.53
N LEU B 225 13.16 15.80 6.65
CA LEU B 225 13.97 16.98 6.42
C LEU B 225 15.07 17.14 7.48
N ASP B 226 14.72 16.89 8.74
CA ASP B 226 15.70 16.99 9.82
C ASP B 226 16.82 15.98 9.64
N GLN B 227 16.46 14.75 9.32
CA GLN B 227 17.44 13.68 9.15
C GLN B 227 18.30 13.88 7.91
N VAL B 228 17.68 14.25 6.79
CA VAL B 228 18.41 14.43 5.54
C VAL B 228 19.43 15.56 5.65
N GLU B 229 19.03 16.68 6.24
CA GLU B 229 19.93 17.80 6.45
C GLU B 229 21.08 17.43 7.39
N ARG B 230 20.86 16.40 8.21
CA ARG B 230 21.88 15.93 9.14
C ARG B 230 22.72 14.83 8.48
N GLY B 231 22.49 14.62 7.19
CA GLY B 231 23.32 13.72 6.41
C GLY B 231 22.79 12.30 6.26
N TYR B 232 21.59 12.06 6.74
CA TYR B 232 20.98 10.73 6.59
C TYR B 232 20.59 10.49 5.14
N ARG B 233 20.97 9.32 4.64
CA ARG B 233 20.56 8.89 3.32
C ARG B 233 19.94 7.50 3.42
N MET B 234 19.03 7.18 2.50
CA MET B 234 18.42 5.87 2.48
C MET B 234 19.47 4.79 2.23
N PRO B 235 19.33 3.63 2.90
CA PRO B 235 20.29 2.54 2.74
C PRO B 235 20.16 1.87 1.39
N CYS B 236 21.14 1.04 1.04
CA CYS B 236 21.05 0.19 -0.13
C CYS B 236 19.87 -0.76 0.01
N PRO B 237 18.92 -0.70 -0.93
CA PRO B 237 17.76 -1.59 -0.93
C PRO B 237 18.19 -3.06 -1.06
N PRO B 238 17.39 -3.99 -0.54
CA PRO B 238 17.68 -5.42 -0.65
C PRO B 238 17.89 -5.86 -2.09
N GLU B 239 18.91 -6.69 -2.31
CA GLU B 239 19.25 -7.25 -3.62
C GLU B 239 19.67 -6.20 -4.65
N CYS B 240 19.72 -4.94 -4.25
CA CYS B 240 20.22 -3.88 -5.11
C CYS B 240 21.74 -3.82 -5.03
N PRO B 241 22.42 -3.87 -6.18
CA PRO B 241 23.89 -3.79 -6.21
C PRO B 241 24.40 -2.50 -5.59
N GLU B 242 25.54 -2.59 -4.90
CA GLU B 242 26.09 -1.44 -4.21
C GLU B 242 26.49 -0.34 -5.18
N SER B 243 26.85 -0.71 -6.39
CA SER B 243 27.23 0.25 -7.42
C SER B 243 26.06 1.13 -7.82
N LEU B 244 24.84 0.61 -7.73
CA LEU B 244 23.66 1.39 -8.07
C LEU B 244 23.28 2.31 -6.91
N HIS B 245 23.48 1.84 -5.69
CA HIS B 245 23.23 2.68 -4.51
C HIS B 245 24.26 3.80 -4.43
N ASP B 246 25.46 3.52 -4.92
CA ASP B 246 26.50 4.55 -5.02
C ASP B 246 26.04 5.68 -5.92
N LEU B 247 25.34 5.31 -7.00
CA LEU B 247 24.81 6.29 -7.94
C LEU B 247 23.75 7.15 -7.28
N MET B 248 22.92 6.54 -6.45
CA MET B 248 21.89 7.26 -5.70
C MET B 248 22.56 8.27 -4.77
N CYS B 249 23.65 7.83 -4.14
CA CYS B 249 24.40 8.66 -3.20
C CYS B 249 25.01 9.88 -3.89
N GLN B 250 25.36 9.72 -5.16
CA GLN B 250 25.89 10.81 -5.95
C GLN B 250 24.80 11.83 -6.25
N CYS B 251 23.59 11.33 -6.49
CA CYS B 251 22.44 12.18 -6.74
C CYS B 251 21.99 12.89 -5.47
N TRP B 252 22.42 12.37 -4.32
CA TRP B 252 21.99 12.90 -3.04
C TRP B 252 23.06 13.67 -2.29
N ARG B 253 24.05 14.19 -3.02
CA ARG B 253 25.09 15.01 -2.41
C ARG B 253 24.50 16.34 -1.94
N LYS B 254 24.90 16.79 -0.75
CA LYS B 254 24.31 17.98 -0.15
C LYS B 254 24.61 19.22 -0.99
N ASP B 255 25.81 19.24 -1.59
CA ASP B 255 26.15 20.31 -2.53
C ASP B 255 25.58 19.95 -3.90
N PRO B 256 24.62 20.76 -4.38
CA PRO B 256 23.90 20.53 -5.63
C PRO B 256 24.82 20.37 -6.84
N GLU B 257 25.95 21.07 -6.82
CA GLU B 257 26.86 21.07 -7.97
C GLU B 257 27.72 19.81 -8.04
N GLU B 258 27.84 19.11 -6.92
CA GLU B 258 28.61 17.87 -6.88
C GLU B 258 27.81 16.71 -7.49
N ARG B 259 26.50 16.91 -7.60
CA ARG B 259 25.62 15.91 -8.21
C ARG B 259 25.89 15.79 -9.71
N PRO B 260 25.84 14.55 -10.23
CA PRO B 260 26.13 14.30 -11.64
C PRO B 260 25.06 14.84 -12.58
N THR B 261 25.39 14.93 -13.87
CA THR B 261 24.43 15.37 -14.87
C THR B 261 23.56 14.20 -15.32
N PHE B 262 22.45 14.52 -15.99
CA PHE B 262 21.60 13.47 -16.54
C PHE B 262 22.25 12.84 -17.76
N GLU B 263 23.11 13.59 -18.43
CA GLU B 263 23.90 13.05 -19.54
C GLU B 263 24.80 11.95 -19.01
N TYR B 264 25.37 12.17 -17.84
CA TYR B 264 26.19 11.18 -17.16
C TYR B 264 25.33 10.01 -16.70
N LEU B 265 24.22 10.32 -16.03
CA LEU B 265 23.30 9.31 -15.52
C LEU B 265 22.76 8.42 -16.63
N GLN B 266 22.50 9.02 -17.80
CA GLN B 266 22.01 8.25 -18.94
C GLN B 266 23.06 7.25 -19.41
N ALA B 267 24.29 7.73 -19.59
CA ALA B 267 25.37 6.90 -20.08
C ALA B 267 25.72 5.78 -19.10
N PHE B 268 25.69 6.11 -17.81
CA PHE B 268 26.01 5.15 -16.77
C PHE B 268 25.02 3.99 -16.76
N LEU B 269 23.73 4.31 -16.80
CA LEU B 269 22.67 3.30 -16.74
C LEU B 269 22.58 2.50 -18.03
N GLU B 270 22.83 3.15 -19.16
CA GLU B 270 22.82 2.47 -20.45
C GLU B 270 23.93 1.41 -20.55
N ASP B 271 25.08 1.72 -19.97
CA ASP B 271 26.25 0.85 -20.05
C ASP B 271 26.41 -0.02 -18.80
N TYR B 272 25.39 -0.01 -17.94
CA TYR B 272 25.51 -0.56 -16.60
C TYR B 272 25.97 -2.02 -16.50
N PHE B 273 25.36 -2.89 -17.29
CA PHE B 273 25.61 -4.32 -17.14
C PHE B 273 26.83 -4.83 -17.91
N THR B 274 27.52 -3.91 -18.59
CA THR B 274 28.79 -4.25 -19.22
C THR B 274 29.94 -3.57 -18.48
N SER B 275 29.77 -2.28 -18.18
CA SER B 275 30.83 -1.47 -17.61
C SER B 275 30.89 -1.52 -16.08
N THR B 276 29.76 -1.77 -15.44
CA THR B 276 29.68 -1.64 -13.98
C THR B 276 29.35 -2.94 -13.28
N GLU B 277 28.34 -3.66 -13.77
CA GLU B 277 27.99 -4.97 -13.20
C GLU B 277 27.99 -6.07 -14.26
N PRO B 278 29.19 -6.48 -14.70
CA PRO B 278 29.33 -7.50 -15.75
C PRO B 278 28.96 -8.90 -15.27
N GLN B 279 28.99 -9.11 -13.96
CA GLN B 279 28.71 -10.42 -13.40
C GLN B 279 27.41 -10.43 -12.62
N TYR B 280 26.47 -9.58 -13.03
CA TYR B 280 25.15 -9.55 -12.40
C TYR B 280 24.46 -10.90 -12.57
N GLN B 281 23.95 -11.43 -11.47
CA GLN B 281 23.18 -12.66 -11.49
C GLN B 281 21.77 -12.38 -10.99
N PRO B 282 20.76 -12.87 -11.72
CA PRO B 282 19.36 -12.69 -11.32
C PRO B 282 19.08 -13.20 -9.91
N GLY B 283 18.22 -12.50 -9.18
CA GLY B 283 17.87 -12.89 -7.83
C GLY B 283 16.39 -13.17 -7.71
N GLU B 284 15.90 -13.18 -6.48
CA GLU B 284 14.50 -13.50 -6.24
C GLU B 284 13.58 -12.31 -6.47
N ASN B 285 14.11 -11.11 -6.27
CA ASN B 285 13.33 -9.90 -6.48
C ASN B 285 13.97 -8.95 -7.49
N LEU B 286 15.29 -8.87 -7.48
CA LEU B 286 16.02 -8.04 -8.43
C LEU B 286 17.00 -8.87 -9.25
PG 8BU C . -12.70 -18.88 22.34
O1G 8BU C . -13.13 -20.04 23.22
O2G 8BU C . -11.24 -18.93 21.94
O3G 8BU C . -13.64 -18.63 21.19
PB 8BU C . -12.54 -16.10 22.70
O1B 8BU C . -12.54 -16.14 21.19
O2B 8BU C . -11.29 -15.57 23.36
O3B 8BU C . -12.85 -17.57 23.26
PA 8BU C . -13.54 -13.73 23.68
O1A 8BU C . -14.83 -12.96 23.50
O2A 8BU C . -12.30 -13.27 22.92
N9 8BU C . -9.39 -11.03 25.82
C8 8BU C . -8.95 -12.15 25.21
N7 8BU C . -7.61 -12.11 25.10
C5 8BU C . -7.12 -10.99 25.63
C6 8BU C . -5.77 -10.42 25.79
N6 8BU C . -4.67 -11.07 25.35
N1 8BU C . -5.71 -9.23 26.38
C2 8BU C . -6.83 -8.62 26.80
N3 8BU C . -8.08 -9.08 26.68
C4 8BU C . -8.32 -10.26 26.10
C01 8BU C . -13.81 -15.22 23.19
O5' 8BU C . -13.16 -13.83 25.25
C5' 8BU C . -13.80 -12.86 26.11
C4' 8BU C . -12.96 -11.58 26.22
C3' 8BU C . -12.93 -10.76 24.90
O3' 8BU C . -13.89 -9.69 24.91
C2' 8BU C . -11.49 -10.22 24.81
O2' 8BU C . -11.44 -8.80 24.68
C1' 8BU C . -10.80 -10.68 26.13
O4' 8BU C . -11.56 -11.78 26.69
F01 8BU C . -14.24 -15.71 23.94
MG MG D . -12.08 -14.04 20.69
PG 8BU E . 0.08 14.16 -10.11
O1G 8BU E . 0.05 12.70 -10.48
O2G 8BU E . 0.36 14.45 -8.66
O3G 8BU E . 0.97 14.99 -10.96
PB 8BU E . -2.02 14.90 -11.88
O1B 8BU E . -0.84 15.18 -12.74
O2B 8BU E . -3.09 15.93 -11.94
O3B 8BU E . -1.44 14.64 -10.40
PA 8BU E . -2.12 12.85 -13.57
O1A 8BU E . -0.78 12.25 -13.27
O2A 8BU E . -2.11 13.96 -14.58
N9 8BU E . -2.85 9.20 -17.13
C8 8BU E . -2.43 10.44 -17.30
N7 8BU E . -1.92 10.59 -18.52
C5 8BU E . -1.98 9.47 -19.20
C6 8BU E . -1.58 9.05 -20.56
N6 8BU E . -1.00 9.89 -21.40
N1 8BU E . -1.83 7.82 -20.87
C2 8BU E . -2.40 7.04 -20.00
N3 8BU E . -2.79 7.33 -18.77
C4 8BU E . -2.62 8.54 -18.26
C01 8BU E . -2.69 13.51 -12.25
O5' 8BU E . -3.23 11.76 -13.88
C5' 8BU E . -3.30 10.66 -13.01
C4' 8BU E . -3.99 9.52 -13.75
C3' 8BU E . -3.26 8.15 -13.65
O3' 8BU E . -4.12 7.03 -13.74
C2' 8BU E . -2.49 8.12 -14.94
O2' 8BU E . -2.38 6.76 -15.25
C1' 8BU E . -3.51 8.71 -15.91
O4' 8BU E . -4.24 9.74 -15.18
F01 8BU E . -3.60 13.73 -12.46
MG MG F . 0.85 11.66 -14.91
#